data_5Z93
#
_entry.id   5Z93
#
_cell.length_a   33.361
_cell.length_b   86.025
_cell.length_c   88.431
_cell.angle_alpha   90.00
_cell.angle_beta   90.00
_cell.angle_gamma   90.00
#
_symmetry.space_group_name_H-M   'P 21 21 21'
#
loop_
_entity.id
_entity.type
_entity.pdbx_description
1 polymer 'NAD-dependent protein deacetylase sirtuin-3, mitochondrial'
2 polymer 'Gene for histone H3 (germline gene)'
3 non-polymer 'ZINC ION'
4 water water
#
loop_
_entity_poly.entity_id
_entity_poly.type
_entity_poly.pdbx_seq_one_letter_code
_entity_poly.pdbx_strand_id
1 'polypeptide(L)'
;SSDKGKLSLQDVAELIRARACQRVVVMVGAGISTPSGIPDFRSPGSGLYSNLQQYDLPYPEAIFELPFFFHNPKPFFTLA
KELYPGNYKPNVTHYFLRLLHDKGLLLRLYTQNIDGLERVSGIPASKLVEAHGTFASATCTVCQRPFPGEDIRADVMADR
VPRCPVCTGVVKPDIVFFGEPLPQRFLLHVVDFPMADLLLILGTSLEVEPFASLTEAVRSSVPRLLINRDLVGPLAWHPR
SRDVAQLGDVVHGVESLVELLGWTEEMRDLVQRETGKLDGPDK
;
A
2 'polypeptide(L)' TAR(KHB)STGGKA B
#
loop_
_chem_comp.id
_chem_comp.type
_chem_comp.name
_chem_comp.formula
ZN non-polymer 'ZINC ION' 'Zn 2'
#
# COMPACT_ATOMS: atom_id res chain seq x y z
N LYS A 6 -17.94 23.73 2.67
CA LYS A 6 -17.98 22.35 2.15
C LYS A 6 -17.28 22.24 0.80
N LEU A 7 -16.13 21.55 0.78
CA LEU A 7 -15.28 21.51 -0.40
C LEU A 7 -15.71 20.42 -1.37
N SER A 8 -15.46 20.67 -2.64
CA SER A 8 -15.69 19.72 -3.72
C SER A 8 -14.36 19.22 -4.28
N LEU A 9 -14.44 18.18 -5.12
CA LEU A 9 -13.26 17.69 -5.80
C LEU A 9 -12.62 18.80 -6.65
N GLN A 10 -13.45 19.61 -7.32
CA GLN A 10 -12.88 20.68 -8.13
C GLN A 10 -12.18 21.71 -7.25
N ASP A 11 -12.73 22.00 -6.06
CA ASP A 11 -12.06 22.89 -5.12
C ASP A 11 -10.65 22.39 -4.80
N VAL A 12 -10.51 21.09 -4.54
CA VAL A 12 -9.21 20.54 -4.21
C VAL A 12 -8.28 20.61 -5.42
N ALA A 13 -8.79 20.34 -6.62
CA ALA A 13 -7.94 20.49 -7.79
C ALA A 13 -7.51 21.94 -7.98
N GLU A 14 -8.37 22.89 -7.61
CA GLU A 14 -7.98 24.29 -7.73
C GLU A 14 -6.95 24.68 -6.69
N LEU A 15 -7.08 24.17 -5.46
CA LEU A 15 -6.07 24.43 -4.44
C LEU A 15 -4.70 23.98 -4.94
N ILE A 16 -4.64 22.84 -5.61
CA ILE A 16 -3.37 22.33 -6.12
C ILE A 16 -2.88 23.19 -7.29
N ARG A 17 -3.76 23.45 -8.26
CA ARG A 17 -3.36 24.29 -9.39
C ARG A 17 -2.84 25.64 -8.91
N ALA A 18 -3.46 26.22 -7.89
CA ALA A 18 -3.00 27.51 -7.40
C ALA A 18 -1.83 27.39 -6.44
N ARG A 19 -1.38 26.17 -6.14
CA ARG A 19 -0.29 25.91 -5.22
C ARG A 19 -0.62 26.35 -3.79
N ALA A 20 -1.90 26.50 -3.47
CA ALA A 20 -2.27 26.68 -2.08
C ALA A 20 -2.04 25.40 -1.30
N CYS A 21 -2.10 24.25 -1.97
CA CYS A 21 -1.69 22.95 -1.43
C CYS A 21 -0.52 22.45 -2.27
N GLN A 22 0.64 22.29 -1.65
CA GLN A 22 1.79 21.78 -2.41
C GLN A 22 2.68 20.82 -1.62
N ARG A 23 2.24 20.36 -0.45
CA ARG A 23 2.97 19.37 0.37
C ARG A 23 1.98 18.25 0.66
N VAL A 24 1.80 17.36 -0.32
CA VAL A 24 0.75 16.37 -0.28
C VAL A 24 1.28 15.11 0.38
N VAL A 25 0.55 14.59 1.35
CA VAL A 25 0.79 13.28 1.91
C VAL A 25 -0.31 12.35 1.42
N VAL A 26 0.08 11.14 1.02
CA VAL A 26 -0.81 10.18 0.39
C VAL A 26 -0.78 8.89 1.20
N MET A 27 -1.94 8.30 1.41
CA MET A 27 -2.09 7.00 2.05
C MET A 27 -2.83 6.11 1.08
N VAL A 28 -2.32 4.89 0.85
CA VAL A 28 -2.93 3.96 -0.11
C VAL A 28 -3.01 2.56 0.46
N GLY A 29 -3.94 1.78 -0.10
CA GLY A 29 -4.11 0.40 0.30
C GLY A 29 -4.35 -0.52 -0.89
N ALA A 30 -4.93 -1.68 -0.62
CA ALA A 30 -5.07 -2.72 -1.63
C ALA A 30 -5.92 -2.27 -2.81
N GLY A 31 -6.77 -1.26 -2.62
CA GLY A 31 -7.65 -0.83 -3.68
C GLY A 31 -6.93 -0.23 -4.87
N ILE A 32 -5.72 0.29 -4.68
CA ILE A 32 -4.95 0.78 -5.82
C ILE A 32 -4.16 -0.31 -6.53
N SER A 33 -4.07 -1.50 -5.96
CA SER A 33 -3.30 -2.56 -6.61
C SER A 33 -4.15 -3.58 -7.34
N THR A 34 -5.41 -3.76 -6.95
CA THR A 34 -6.24 -4.72 -7.64
C THR A 34 -6.50 -4.38 -9.10
N PRO A 35 -6.48 -3.13 -9.55
CA PRO A 35 -6.55 -2.90 -11.01
C PRO A 35 -5.34 -3.44 -11.76
N SER A 36 -4.21 -3.62 -11.10
CA SER A 36 -3.03 -4.21 -11.72
C SER A 36 -3.10 -5.73 -11.81
N GLY A 37 -4.18 -6.34 -11.34
CA GLY A 37 -4.31 -7.77 -11.29
C GLY A 37 -3.84 -8.39 -10.00
N ILE A 38 -3.30 -7.61 -9.08
CA ILE A 38 -2.82 -8.16 -7.80
C ILE A 38 -3.98 -8.84 -7.10
N PRO A 39 -3.84 -10.08 -6.66
CA PRO A 39 -4.89 -10.69 -5.83
C PRO A 39 -5.01 -9.95 -4.50
N ASP A 40 -6.18 -9.39 -4.24
CA ASP A 40 -6.46 -8.91 -2.90
C ASP A 40 -6.65 -10.13 -2.00
N PHE A 41 -5.85 -10.22 -0.94
CA PHE A 41 -5.95 -11.40 -0.08
C PHE A 41 -7.29 -11.45 0.64
N ARG A 42 -7.92 -10.29 0.87
CA ARG A 42 -9.22 -10.28 1.54
C ARG A 42 -10.34 -10.76 0.60
N SER A 43 -10.18 -10.55 -0.71
CA SER A 43 -11.13 -11.00 -1.71
C SER A 43 -10.39 -11.82 -2.77
N PRO A 44 -10.02 -13.06 -2.45
CA PRO A 44 -9.15 -13.82 -3.35
C PRO A 44 -9.88 -14.28 -4.61
N GLY A 45 -9.10 -14.41 -5.70
CA GLY A 45 -9.61 -14.99 -6.92
C GLY A 45 -9.69 -16.49 -6.84
N SER A 46 -10.38 -17.09 -7.83
CA SER A 46 -10.64 -18.52 -7.79
C SER A 46 -9.34 -19.32 -7.72
N GLY A 47 -8.38 -19.01 -8.58
CA GLY A 47 -7.13 -19.77 -8.60
C GLY A 47 -6.37 -19.70 -7.29
N LEU A 48 -6.12 -18.47 -6.83
CA LEU A 48 -5.45 -18.29 -5.54
C LEU A 48 -6.27 -18.90 -4.40
N TYR A 49 -7.60 -18.68 -4.40
CA TYR A 49 -8.43 -19.24 -3.34
C TYR A 49 -8.26 -20.74 -3.26
N SER A 50 -8.24 -21.42 -4.41
CA SER A 50 -8.08 -22.87 -4.43
C SER A 50 -6.74 -23.29 -3.82
N ASN A 51 -5.65 -22.68 -4.30
CA ASN A 51 -4.31 -23.04 -3.83
C ASN A 51 -4.19 -22.83 -2.32
N LEU A 52 -4.80 -21.77 -1.80
CA LEU A 52 -4.78 -21.55 -0.36
C LEU A 52 -5.63 -22.58 0.37
N GLN A 53 -6.78 -22.95 -0.20
CA GLN A 53 -7.64 -23.94 0.42
C GLN A 53 -6.95 -25.31 0.48
N GLN A 54 -6.04 -25.59 -0.46
CA GLN A 54 -5.29 -26.84 -0.45
C GLN A 54 -4.54 -27.04 0.86
N TYR A 55 -4.09 -25.95 1.50
CA TYR A 55 -3.38 -26.02 2.77
C TYR A 55 -4.24 -25.53 3.93
N ASP A 56 -5.57 -25.61 3.78
CA ASP A 56 -6.52 -25.38 4.87
C ASP A 56 -6.39 -23.99 5.49
N LEU A 57 -6.26 -22.97 4.64
CA LEU A 57 -6.33 -21.60 5.13
C LEU A 57 -7.74 -21.37 5.68
N PRO A 58 -7.88 -21.13 6.99
CA PRO A 58 -9.23 -21.03 7.56
C PRO A 58 -9.95 -19.74 7.20
N TYR A 59 -9.21 -18.66 6.98
CA TYR A 59 -9.79 -17.36 6.63
C TYR A 59 -8.63 -16.47 6.14
N PRO A 60 -8.92 -15.44 5.35
CA PRO A 60 -7.84 -14.67 4.73
C PRO A 60 -6.84 -14.05 5.71
N GLU A 61 -7.31 -13.52 6.84
CA GLU A 61 -6.39 -12.82 7.73
C GLU A 61 -5.34 -13.73 8.33
N ALA A 62 -5.60 -15.04 8.39
CA ALA A 62 -4.63 -15.98 8.94
C ALA A 62 -3.31 -15.97 8.15
N ILE A 63 -3.33 -15.53 6.89
CA ILE A 63 -2.10 -15.40 6.11
C ILE A 63 -1.11 -14.50 6.81
N PHE A 64 -1.60 -13.54 7.59
CA PHE A 64 -0.76 -12.55 8.27
C PHE A 64 -0.85 -12.67 9.78
N GLU A 65 -1.12 -13.87 10.28
CA GLU A 65 -1.16 -14.12 11.71
C GLU A 65 -0.01 -15.06 12.07
N LEU A 66 0.71 -14.71 13.14
CA LEU A 66 1.86 -15.51 13.54
C LEU A 66 1.49 -16.91 14.02
N PRO A 67 0.52 -17.08 14.94
CA PRO A 67 0.17 -18.46 15.35
C PRO A 67 -0.11 -19.38 14.17
N PHE A 68 -0.91 -18.92 13.21
CA PHE A 68 -1.18 -19.76 12.05
C PHE A 68 0.09 -19.99 11.24
N PHE A 69 0.86 -18.92 10.97
CA PHE A 69 2.10 -19.09 10.23
C PHE A 69 3.03 -20.11 10.89
N PHE A 70 3.18 -20.04 12.21
CA PHE A 70 4.05 -20.99 12.91
C PHE A 70 3.54 -22.41 12.76
N HIS A 71 2.22 -22.57 12.67
CA HIS A 71 1.63 -23.91 12.52
C HIS A 71 1.69 -24.38 11.07
N ASN A 72 1.49 -23.48 10.11
CA ASN A 72 1.39 -23.84 8.70
C ASN A 72 1.75 -22.65 7.83
N PRO A 73 3.00 -22.54 7.39
CA PRO A 73 3.42 -21.39 6.59
C PRO A 73 3.15 -21.50 5.10
N LYS A 74 2.57 -22.61 4.63
CA LYS A 74 2.45 -22.78 3.19
C LYS A 74 1.48 -21.80 2.55
N PRO A 75 0.32 -21.52 3.14
CA PRO A 75 -0.54 -20.49 2.53
C PRO A 75 0.14 -19.15 2.34
N PHE A 76 0.89 -18.67 3.33
CA PHE A 76 1.63 -17.42 3.13
C PHE A 76 2.59 -17.54 1.95
N PHE A 77 3.39 -18.60 1.92
CA PHE A 77 4.35 -18.69 0.83
C PHE A 77 3.70 -18.92 -0.51
N THR A 78 2.48 -19.45 -0.54
CA THR A 78 1.73 -19.49 -1.78
C THR A 78 1.43 -18.09 -2.26
N LEU A 79 0.95 -17.23 -1.36
CA LEU A 79 0.72 -15.83 -1.71
C LEU A 79 2.03 -15.12 -2.06
N ALA A 80 3.09 -15.37 -1.30
CA ALA A 80 4.37 -14.70 -1.55
C ALA A 80 4.86 -14.97 -2.97
N LYS A 81 4.72 -16.22 -3.43
CA LYS A 81 5.13 -16.57 -4.79
C LYS A 81 4.43 -15.70 -5.82
N GLU A 82 3.16 -15.38 -5.57
CA GLU A 82 2.40 -14.52 -6.47
C GLU A 82 2.93 -13.09 -6.50
N LEU A 83 3.60 -12.64 -5.45
CA LEU A 83 4.01 -11.24 -5.37
C LEU A 83 5.49 -11.04 -5.65
N TYR A 84 6.07 -11.89 -6.49
CA TYR A 84 7.45 -11.74 -6.92
C TYR A 84 7.63 -10.36 -7.57
N PRO A 85 8.72 -9.66 -7.27
CA PRO A 85 8.88 -8.30 -7.79
C PRO A 85 8.91 -8.29 -9.31
N GLY A 86 8.09 -7.42 -9.91
CA GLY A 86 8.08 -7.26 -11.34
C GLY A 86 7.16 -8.18 -12.09
N ASN A 87 6.39 -9.02 -11.40
CA ASN A 87 5.40 -9.84 -12.08
C ASN A 87 4.12 -9.07 -12.40
N TYR A 88 4.05 -7.80 -11.99
CA TYR A 88 2.85 -7.01 -12.22
C TYR A 88 3.26 -5.63 -12.73
N LYS A 89 2.27 -4.94 -13.30
CA LYS A 89 2.56 -3.62 -13.81
C LYS A 89 1.75 -2.60 -13.02
N PRO A 90 2.33 -1.46 -12.68
CA PRO A 90 1.56 -0.39 -12.05
C PRO A 90 0.34 -0.05 -12.92
N ASN A 91 -0.63 0.63 -12.32
CA ASN A 91 -1.77 1.11 -13.08
C ASN A 91 -1.88 2.64 -12.95
N VAL A 92 -2.99 3.18 -13.46
CA VAL A 92 -3.19 4.62 -13.54
C VAL A 92 -3.05 5.29 -12.17
N THR A 93 -3.45 4.61 -11.09
CA THR A 93 -3.34 5.22 -9.78
C THR A 93 -1.88 5.40 -9.37
N HIS A 94 -1.03 4.40 -9.63
CA HIS A 94 0.40 4.52 -9.37
C HIS A 94 1.02 5.67 -10.16
N TYR A 95 0.68 5.77 -11.45
CA TYR A 95 1.29 6.79 -12.30
C TYR A 95 0.81 8.18 -11.93
N PHE A 96 -0.43 8.30 -11.45
CA PHE A 96 -0.89 9.58 -10.92
C PHE A 96 -0.01 10.02 -9.74
N LEU A 97 0.28 9.09 -8.84
CA LEU A 97 1.12 9.41 -7.69
C LEU A 97 2.55 9.71 -8.13
N ARG A 98 3.04 8.99 -9.14
CA ARG A 98 4.33 9.34 -9.73
C ARG A 98 4.29 10.74 -10.31
N LEU A 99 3.18 11.11 -10.95
CA LEU A 99 3.07 12.45 -11.51
C LEU A 99 3.04 13.50 -10.41
N LEU A 100 2.40 13.17 -9.28
CA LEU A 100 2.43 14.05 -8.13
C LEU A 100 3.86 14.30 -7.68
N HIS A 101 4.67 13.26 -7.65
CA HIS A 101 6.07 13.40 -7.28
C HIS A 101 6.79 14.26 -8.32
N ASP A 102 6.61 13.92 -9.61
CA ASP A 102 7.32 14.62 -10.68
C ASP A 102 7.01 16.10 -10.67
N LYS A 103 5.79 16.46 -10.30
CA LYS A 103 5.38 17.85 -10.26
C LYS A 103 5.80 18.55 -8.99
N GLY A 104 6.55 17.88 -8.12
CA GLY A 104 7.08 18.50 -6.92
C GLY A 104 6.08 18.67 -5.81
N LEU A 105 5.00 17.88 -5.79
CA LEU A 105 3.94 18.04 -4.84
C LEU A 105 3.91 16.97 -3.76
N LEU A 106 4.67 15.90 -3.90
CA LEU A 106 4.55 14.74 -3.00
C LEU A 106 5.49 14.91 -1.81
N LEU A 107 4.92 15.09 -0.62
CA LEU A 107 5.73 15.05 0.59
C LEU A 107 6.10 13.62 0.94
N ARG A 108 5.10 12.74 1.00
CA ARG A 108 5.38 11.33 1.29
C ARG A 108 4.17 10.49 0.92
N LEU A 109 4.46 9.27 0.48
CA LEU A 109 3.47 8.25 0.15
C LEU A 109 3.59 7.11 1.15
N TYR A 110 2.51 6.87 1.91
CA TYR A 110 2.43 5.80 2.90
C TYR A 110 1.56 4.68 2.32
N THR A 111 2.10 3.47 2.26
CA THR A 111 1.38 2.39 1.63
C THR A 111 1.29 1.19 2.57
N GLN A 112 0.14 0.51 2.51
CA GLN A 112 -0.05 -0.77 3.16
C GLN A 112 0.24 -1.94 2.22
N ASN A 113 0.54 -1.67 0.96
CA ASN A 113 0.73 -2.76 0.01
C ASN A 113 2.13 -3.33 0.12
N ILE A 114 2.26 -4.58 -0.30
CA ILE A 114 3.57 -5.23 -0.30
C ILE A 114 3.91 -5.75 -1.69
N ASP A 115 3.25 -5.24 -2.71
CA ASP A 115 3.56 -5.63 -4.08
C ASP A 115 4.75 -4.87 -4.67
N GLY A 116 5.21 -3.80 -4.03
CA GLY A 116 6.32 -3.06 -4.59
C GLY A 116 5.99 -2.25 -5.83
N LEU A 117 4.71 -2.09 -6.16
CA LEU A 117 4.36 -1.39 -7.40
C LEU A 117 4.58 0.12 -7.31
N GLU A 118 4.55 0.70 -6.12
CA GLU A 118 4.93 2.11 -6.00
C GLU A 118 6.35 2.32 -6.50
N ARG A 119 7.30 1.48 -6.05
CA ARG A 119 8.69 1.58 -6.51
C ARG A 119 8.81 1.33 -8.00
N VAL A 120 8.08 0.35 -8.52
CA VAL A 120 8.13 0.04 -9.95
C VAL A 120 7.65 1.22 -10.77
N SER A 121 6.62 1.92 -10.29
CA SER A 121 6.12 3.07 -11.01
C SER A 121 7.11 4.24 -10.99
N GLY A 122 8.20 4.15 -10.24
CA GLY A 122 9.19 5.18 -10.23
C GLY A 122 9.07 6.18 -9.10
N ILE A 123 8.19 5.96 -8.14
CA ILE A 123 8.20 6.83 -6.97
C ILE A 123 9.42 6.51 -6.12
N PRO A 124 10.26 7.49 -5.79
CA PRO A 124 11.53 7.16 -5.12
C PRO A 124 11.31 6.57 -3.73
N ALA A 125 12.26 5.74 -3.32
CA ALA A 125 12.15 5.13 -2.00
C ALA A 125 12.16 6.19 -0.91
N SER A 126 12.90 7.28 -1.12
CA SER A 126 12.96 8.36 -0.13
C SER A 126 11.60 8.99 0.10
N LYS A 127 10.70 8.91 -0.88
CA LYS A 127 9.36 9.46 -0.77
C LYS A 127 8.33 8.44 -0.28
N LEU A 128 8.74 7.21 0.00
CA LEU A 128 7.82 6.11 0.27
C LEU A 128 8.00 5.62 1.70
N VAL A 129 6.89 5.21 2.32
CA VAL A 129 6.92 4.46 3.57
C VAL A 129 6.11 3.20 3.34
N GLU A 130 6.81 2.06 3.20
CA GLU A 130 6.14 0.77 3.06
C GLU A 130 5.86 0.28 4.48
N ALA A 131 4.72 0.75 5.00
CA ALA A 131 4.41 0.65 6.42
C ALA A 131 4.16 -0.77 6.88
N HIS A 132 3.78 -1.68 6.00
CA HIS A 132 3.56 -3.05 6.41
C HIS A 132 4.66 -3.97 5.91
N GLY A 133 5.85 -3.42 5.69
CA GLY A 133 7.02 -4.24 5.47
C GLY A 133 7.30 -4.48 4.00
N THR A 134 8.21 -5.43 3.77
CA THR A 134 8.77 -5.61 2.44
C THR A 134 9.30 -7.04 2.32
N PHE A 135 9.33 -7.54 1.09
CA PHE A 135 10.01 -8.79 0.75
C PHE A 135 11.52 -8.61 0.57
N ALA A 136 12.04 -7.38 0.71
CA ALA A 136 13.47 -7.17 0.50
C ALA A 136 14.33 -7.79 1.59
N SER A 137 13.75 -8.12 2.73
CA SER A 137 14.51 -8.77 3.80
C SER A 137 13.62 -9.80 4.46
N ALA A 138 14.24 -10.69 5.22
CA ALA A 138 13.55 -11.79 5.88
C ALA A 138 14.25 -12.07 7.20
N THR A 139 13.54 -12.75 8.10
CA THR A 139 14.01 -13.02 9.45
C THR A 139 13.63 -14.44 9.85
N CYS A 140 14.59 -15.20 10.39
CA CYS A 140 14.28 -16.53 10.88
C CYS A 140 13.27 -16.46 12.03
N THR A 141 12.20 -17.25 11.97
CA THR A 141 11.20 -17.21 13.03
C THR A 141 11.66 -17.87 14.32
N VAL A 142 12.76 -18.61 14.31
CA VAL A 142 13.22 -19.33 15.50
C VAL A 142 14.38 -18.62 16.17
N CYS A 143 15.41 -18.25 15.40
CA CYS A 143 16.60 -17.63 15.97
C CYS A 143 16.72 -16.13 15.70
N GLN A 144 15.82 -15.54 14.90
CA GLN A 144 15.76 -14.11 14.60
C GLN A 144 16.93 -13.59 13.75
N ARG A 145 17.74 -14.48 13.17
CA ARG A 145 18.76 -14.02 12.23
C ARG A 145 18.09 -13.37 11.01
N PRO A 146 18.64 -12.27 10.51
CA PRO A 146 18.12 -11.66 9.27
C PRO A 146 18.87 -12.11 8.03
N PHE A 147 18.19 -12.03 6.90
CA PHE A 147 18.74 -12.41 5.62
C PHE A 147 18.23 -11.44 4.57
N PRO A 148 19.00 -11.20 3.51
CA PRO A 148 18.45 -10.47 2.36
C PRO A 148 17.36 -11.30 1.72
N GLY A 149 16.34 -10.61 1.18
CA GLY A 149 15.21 -11.31 0.61
C GLY A 149 15.58 -12.22 -0.53
N GLU A 150 16.68 -11.94 -1.23
CA GLU A 150 17.10 -12.78 -2.34
C GLU A 150 17.57 -14.16 -1.88
N ASP A 151 17.95 -14.29 -0.61
CA ASP A 151 18.40 -15.57 -0.09
C ASP A 151 17.29 -16.61 -0.05
N ILE A 152 16.02 -16.22 0.00
CA ILE A 152 14.92 -17.17 0.08
C ILE A 152 14.12 -17.24 -1.22
N ARG A 153 14.49 -16.48 -2.23
CA ARG A 153 13.64 -16.33 -3.41
C ARG A 153 13.56 -17.62 -4.22
N ALA A 154 14.69 -18.30 -4.41
CA ALA A 154 14.68 -19.54 -5.19
C ALA A 154 13.75 -20.57 -4.56
N ASP A 155 13.86 -20.75 -3.24
CA ASP A 155 12.95 -21.65 -2.53
C ASP A 155 11.50 -21.26 -2.74
N VAL A 156 11.17 -20.00 -2.49
CA VAL A 156 9.79 -19.55 -2.63
C VAL A 156 9.27 -19.85 -4.03
N MET A 157 10.07 -19.54 -5.05
CA MET A 157 9.66 -19.81 -6.42
C MET A 157 9.64 -21.30 -6.76
N ALA A 158 10.24 -22.15 -5.93
CA ALA A 158 10.21 -23.59 -6.15
C ALA A 158 9.19 -24.31 -5.29
N ASP A 159 8.29 -23.57 -4.64
CA ASP A 159 7.28 -24.15 -3.73
C ASP A 159 7.91 -24.83 -2.52
N ARG A 160 9.06 -24.33 -2.08
CA ARG A 160 9.71 -24.85 -0.89
C ARG A 160 9.61 -23.81 0.23
N VAL A 161 9.40 -24.27 1.46
CA VAL A 161 9.43 -23.36 2.60
C VAL A 161 10.90 -23.07 2.89
N PRO A 162 11.33 -21.81 2.88
CA PRO A 162 12.75 -21.53 3.14
C PRO A 162 13.09 -21.75 4.61
N ARG A 163 14.23 -22.40 4.85
CA ARG A 163 14.64 -22.73 6.20
C ARG A 163 15.99 -22.12 6.53
N CYS A 164 16.17 -21.80 7.81
CA CYS A 164 17.35 -21.09 8.26
C CYS A 164 18.59 -21.95 8.07
N PRO A 165 19.67 -21.41 7.49
CA PRO A 165 20.91 -22.19 7.39
C PRO A 165 21.53 -22.55 8.74
N VAL A 166 21.18 -21.83 9.81
CA VAL A 166 21.76 -22.08 11.12
C VAL A 166 20.91 -23.02 11.96
N CYS A 167 19.61 -22.74 12.11
CA CYS A 167 18.78 -23.53 13.01
C CYS A 167 17.70 -24.35 12.32
N THR A 168 17.56 -24.23 11.00
CA THR A 168 16.55 -24.90 10.17
C THR A 168 15.14 -24.39 10.41
N GLY A 169 14.97 -23.33 11.20
CA GLY A 169 13.65 -22.74 11.36
C GLY A 169 13.16 -22.08 10.09
N VAL A 170 11.85 -21.89 10.01
CA VAL A 170 11.25 -21.24 8.84
C VAL A 170 11.64 -19.77 8.81
N VAL A 171 12.14 -19.34 7.66
CA VAL A 171 12.52 -17.94 7.48
C VAL A 171 11.33 -17.20 6.87
N LYS A 172 10.96 -16.09 7.48
CA LYS A 172 9.78 -15.32 7.10
C LYS A 172 10.21 -13.96 6.55
N PRO A 173 9.75 -13.61 5.35
CA PRO A 173 9.94 -12.25 4.82
C PRO A 173 9.47 -11.20 5.82
N ASP A 174 10.07 -10.01 5.75
CA ASP A 174 9.76 -8.95 6.71
C ASP A 174 8.47 -8.21 6.37
N ILE A 175 7.42 -8.96 6.11
CA ILE A 175 6.07 -8.42 6.03
C ILE A 175 5.56 -8.27 7.46
N VAL A 176 4.94 -7.13 7.76
CA VAL A 176 4.42 -6.88 9.10
C VAL A 176 3.14 -7.71 9.27
N PHE A 177 3.20 -8.72 10.14
CA PHE A 177 2.02 -9.49 10.49
C PHE A 177 1.26 -8.79 11.62
N PHE A 178 0.00 -9.18 11.80
CA PHE A 178 -0.74 -8.72 12.97
C PHE A 178 0.03 -9.03 14.24
N GLY A 179 0.15 -8.02 15.12
CA GLY A 179 0.90 -8.16 16.35
C GLY A 179 2.39 -7.83 16.28
N GLU A 180 2.93 -7.59 15.10
CA GLU A 180 4.33 -7.26 14.94
C GLU A 180 4.55 -5.74 14.88
N PRO A 181 5.75 -5.27 15.22
CA PRO A 181 6.03 -3.83 15.11
C PRO A 181 6.10 -3.39 13.66
N LEU A 182 5.65 -2.16 13.39
CA LEU A 182 5.87 -1.61 12.07
C LEU A 182 7.32 -1.17 11.94
N PRO A 183 7.85 -1.07 10.71
CA PRO A 183 9.24 -0.63 10.54
C PRO A 183 9.44 0.80 11.02
N GLN A 184 10.69 1.09 11.41
CA GLN A 184 11.02 2.38 12.02
C GLN A 184 10.73 3.53 11.08
N ARG A 185 10.78 3.29 9.77
CA ARG A 185 10.51 4.33 8.81
C ARG A 185 9.09 4.86 8.91
N PHE A 186 8.18 4.05 9.47
CA PHE A 186 6.83 4.52 9.76
C PHE A 186 6.86 5.80 10.60
N LEU A 187 7.88 5.95 11.44
CA LEU A 187 8.01 7.12 12.32
C LEU A 187 8.34 8.42 11.57
N LEU A 188 8.51 8.36 10.24
CA LEU A 188 8.49 9.59 9.45
C LEU A 188 7.15 10.32 9.58
N HIS A 189 6.10 9.64 10.05
CA HIS A 189 4.81 10.31 10.18
C HIS A 189 4.86 11.44 11.20
N VAL A 190 5.73 11.32 12.19
CA VAL A 190 5.79 12.31 13.28
C VAL A 190 5.99 13.71 12.72
N VAL A 191 6.89 13.85 11.75
CA VAL A 191 7.08 15.17 11.14
C VAL A 191 6.22 15.34 9.88
N ASP A 192 5.99 14.27 9.10
CA ASP A 192 5.33 14.44 7.79
C ASP A 192 3.91 14.94 7.94
N PHE A 193 3.15 14.36 8.86
CA PHE A 193 1.72 14.62 8.86
C PHE A 193 1.41 16.03 9.37
N PRO A 194 2.08 16.55 10.41
CA PRO A 194 1.90 17.97 10.74
C PRO A 194 2.36 18.90 9.63
N MET A 195 3.29 18.47 8.78
CA MET A 195 3.74 19.30 7.67
C MET A 195 2.83 19.26 6.46
N ALA A 196 2.00 18.23 6.32
CA ALA A 196 1.17 18.13 5.13
C ALA A 196 0.19 19.29 5.05
N ASP A 197 -0.07 19.79 3.83
CA ASP A 197 -1.18 20.73 3.62
C ASP A 197 -2.33 20.11 2.85
N LEU A 198 -2.22 18.86 2.45
CA LEU A 198 -3.33 18.12 1.84
C LEU A 198 -3.09 16.65 2.09
N LEU A 199 -4.15 15.91 2.39
CA LEU A 199 -4.04 14.47 2.60
C LEU A 199 -4.91 13.78 1.57
N LEU A 200 -4.32 12.86 0.82
CA LEU A 200 -5.03 12.00 -0.11
C LEU A 200 -5.08 10.58 0.43
N ILE A 201 -6.26 9.97 0.40
CA ILE A 201 -6.43 8.56 0.76
C ILE A 201 -7.03 7.84 -0.44
N LEU A 202 -6.35 6.78 -0.92
CA LEU A 202 -6.80 6.07 -2.12
C LEU A 202 -6.86 4.57 -1.87
N GLY A 203 -8.02 3.99 -2.13
CA GLY A 203 -8.15 2.54 -2.16
C GLY A 203 -7.73 1.82 -0.88
N THR A 204 -8.28 2.20 0.26
CA THR A 204 -8.02 1.47 1.49
C THR A 204 -9.29 1.43 2.32
N SER A 205 -9.45 0.34 3.07
CA SER A 205 -10.60 0.21 3.95
C SER A 205 -10.40 0.90 5.29
N LEU A 206 -9.16 1.32 5.59
CA LEU A 206 -8.83 2.01 6.83
C LEU A 206 -9.27 1.22 8.06
N GLU A 207 -9.07 -0.08 8.00
CA GLU A 207 -9.44 -0.94 9.14
C GLU A 207 -8.23 -1.52 9.87
N VAL A 208 -7.02 -1.34 9.37
CA VAL A 208 -5.81 -1.82 10.02
C VAL A 208 -5.13 -0.64 10.70
N GLU A 209 -4.73 -0.85 11.96
CA GLU A 209 -4.09 0.15 12.78
C GLU A 209 -2.63 -0.22 13.02
N PRO A 210 -1.75 0.75 13.30
CA PRO A 210 -2.03 2.18 13.47
C PRO A 210 -2.08 2.98 12.15
N PHE A 211 -2.01 2.29 11.00
CA PHE A 211 -1.99 2.99 9.72
C PHE A 211 -3.22 3.89 9.56
N ALA A 212 -4.41 3.36 9.90
CA ALA A 212 -5.66 4.09 9.64
C ALA A 212 -5.72 5.39 10.44
N SER A 213 -5.22 5.38 11.68
CA SER A 213 -5.29 6.57 12.52
C SER A 213 -4.41 7.72 12.04
N LEU A 214 -3.49 7.48 11.12
CA LEU A 214 -2.75 8.59 10.51
C LEU A 214 -3.69 9.60 9.84
N THR A 215 -4.88 9.17 9.39
CA THR A 215 -5.82 10.12 8.79
C THR A 215 -6.13 11.27 9.74
N GLU A 216 -6.02 11.04 11.05
CA GLU A 216 -6.30 12.08 12.03
C GLU A 216 -5.06 12.85 12.45
N ALA A 217 -3.92 12.57 11.83
CA ALA A 217 -2.66 13.22 12.19
C ALA A 217 -2.44 14.55 11.48
N VAL A 218 -3.15 14.83 10.40
CA VAL A 218 -3.01 16.13 9.76
C VAL A 218 -3.75 17.19 10.58
N ARG A 219 -3.33 18.43 10.42
CA ARG A 219 -3.94 19.55 11.09
C ARG A 219 -5.37 19.73 10.59
N SER A 220 -6.24 20.33 11.42
CA SER A 220 -7.64 20.36 11.04
C SER A 220 -7.92 21.30 9.87
N SER A 221 -6.99 22.19 9.50
CA SER A 221 -7.17 22.99 8.28
C SER A 221 -6.97 22.18 7.01
N VAL A 222 -6.38 21.00 7.12
CA VAL A 222 -5.91 20.24 5.97
C VAL A 222 -7.09 19.48 5.36
N PRO A 223 -7.40 19.68 4.08
CA PRO A 223 -8.45 18.86 3.47
C PRO A 223 -8.01 17.42 3.38
N ARG A 224 -8.94 16.51 3.65
CA ARG A 224 -8.68 15.09 3.48
C ARG A 224 -9.54 14.60 2.32
N LEU A 225 -8.91 14.25 1.21
CA LEU A 225 -9.61 13.80 0.01
C LEU A 225 -9.53 12.28 -0.06
N LEU A 226 -10.69 11.63 -0.03
CA LEU A 226 -10.80 10.18 -0.08
C LEU A 226 -11.29 9.77 -1.47
N ILE A 227 -10.50 8.95 -2.16
CA ILE A 227 -10.90 8.36 -3.43
C ILE A 227 -11.01 6.87 -3.18
N ASN A 228 -12.24 6.37 -3.12
CA ASN A 228 -12.50 5.04 -2.57
C ASN A 228 -13.93 4.64 -2.92
N ARG A 229 -14.21 3.34 -2.86
CA ARG A 229 -15.57 2.87 -3.15
C ARG A 229 -16.56 3.41 -2.14
N ASP A 230 -16.14 3.52 -0.87
CA ASP A 230 -17.02 3.89 0.23
C ASP A 230 -16.30 4.76 1.24
N LEU A 231 -17.08 5.57 1.95
CA LEU A 231 -16.57 6.35 3.07
C LEU A 231 -16.33 5.43 4.24
N VAL A 232 -15.09 5.38 4.72
CA VAL A 232 -14.68 4.31 5.64
C VAL A 232 -13.81 4.88 6.76
N GLY A 233 -13.72 4.11 7.84
CA GLY A 233 -12.77 4.35 8.89
C GLY A 233 -12.97 5.68 9.58
N PRO A 234 -11.88 6.25 10.10
CA PRO A 234 -11.96 7.55 10.78
C PRO A 234 -12.61 8.64 9.95
N LEU A 235 -12.49 8.60 8.61
CA LEU A 235 -13.16 9.57 7.77
C LEU A 235 -14.67 9.46 7.89
N ALA A 236 -15.17 8.23 8.05
CA ALA A 236 -16.60 8.04 8.29
C ALA A 236 -16.97 8.35 9.74
N TRP A 237 -16.20 7.84 10.69
CA TRP A 237 -16.58 7.92 12.09
C TRP A 237 -16.45 9.34 12.64
N HIS A 238 -15.45 10.11 12.18
CA HIS A 238 -15.22 11.46 12.68
C HIS A 238 -14.86 12.39 11.53
N PRO A 239 -15.87 12.83 10.78
CA PRO A 239 -15.59 13.70 9.64
C PRO A 239 -15.14 15.09 10.10
N ARG A 240 -14.34 15.71 9.25
CA ARG A 240 -13.92 17.08 9.42
C ARG A 240 -14.50 17.94 8.31
N SER A 241 -14.59 19.25 8.60
CA SER A 241 -15.33 20.14 7.71
C SER A 241 -14.71 20.25 6.32
N ARG A 242 -13.39 20.07 6.20
CA ARG A 242 -12.75 20.18 4.90
C ARG A 242 -12.47 18.82 4.28
N ASP A 243 -13.22 17.79 4.67
CA ASP A 243 -13.14 16.49 4.02
C ASP A 243 -13.86 16.50 2.68
N VAL A 244 -13.32 15.73 1.74
CA VAL A 244 -13.91 15.53 0.43
C VAL A 244 -13.90 14.04 0.14
N ALA A 245 -15.02 13.51 -0.33
CA ALA A 245 -15.10 12.10 -0.66
C ALA A 245 -15.54 11.97 -2.10
N GLN A 246 -14.70 11.31 -2.91
CA GLN A 246 -15.00 10.99 -4.29
C GLN A 246 -15.26 9.49 -4.33
N LEU A 247 -16.53 9.12 -4.15
CA LEU A 247 -16.88 7.73 -3.90
C LEU A 247 -17.17 7.01 -5.21
N GLY A 248 -16.53 5.87 -5.41
CA GLY A 248 -16.70 5.10 -6.61
C GLY A 248 -15.42 4.33 -6.89
N ASP A 249 -15.39 3.70 -8.04
CA ASP A 249 -14.19 3.03 -8.52
C ASP A 249 -12.97 3.95 -8.37
N VAL A 250 -11.88 3.41 -7.84
CA VAL A 250 -10.72 4.23 -7.52
C VAL A 250 -10.06 4.77 -8.79
N VAL A 251 -10.00 3.96 -9.85
CA VAL A 251 -9.36 4.42 -11.09
C VAL A 251 -10.17 5.55 -11.72
N HIS A 252 -11.50 5.42 -11.73
CA HIS A 252 -12.33 6.48 -12.27
C HIS A 252 -12.23 7.74 -11.43
N GLY A 253 -12.20 7.60 -10.11
CA GLY A 253 -11.98 8.75 -9.25
C GLY A 253 -10.67 9.46 -9.56
N VAL A 254 -9.58 8.70 -9.65
CA VAL A 254 -8.29 9.30 -9.99
C VAL A 254 -8.36 10.01 -11.35
N GLU A 255 -9.01 9.39 -12.33
CA GLU A 255 -9.07 9.99 -13.67
C GLU A 255 -9.88 11.29 -13.67
N SER A 256 -10.93 11.35 -12.85
CA SER A 256 -11.70 12.60 -12.73
C SER A 256 -10.84 13.70 -12.13
N LEU A 257 -10.03 13.38 -11.13
CA LEU A 257 -9.16 14.36 -10.50
C LEU A 257 -8.09 14.82 -11.47
N VAL A 258 -7.52 13.90 -12.25
CA VAL A 258 -6.53 14.27 -13.26
C VAL A 258 -7.13 15.25 -14.26
N GLU A 259 -8.37 14.99 -14.69
CA GLU A 259 -9.05 15.90 -15.60
C GLU A 259 -9.26 17.27 -14.98
N LEU A 260 -9.68 17.32 -13.72
CA LEU A 260 -9.86 18.62 -13.09
C LEU A 260 -8.54 19.36 -12.92
N LEU A 261 -7.44 18.62 -12.71
CA LEU A 261 -6.14 19.25 -12.57
C LEU A 261 -5.58 19.74 -13.91
N GLY A 262 -6.09 19.23 -15.02
CA GLY A 262 -5.48 19.52 -16.32
C GLY A 262 -4.27 18.67 -16.62
N TRP A 263 -4.19 17.46 -16.08
CA TRP A 263 -3.01 16.62 -16.21
C TRP A 263 -3.21 15.44 -17.17
N THR A 264 -4.28 15.48 -17.97
CA THR A 264 -4.65 14.33 -18.77
C THR A 264 -3.57 13.94 -19.77
N GLU A 265 -3.00 14.93 -20.46
CA GLU A 265 -1.99 14.63 -21.47
C GLU A 265 -0.66 14.23 -20.83
N GLU A 266 -0.27 14.91 -19.76
CA GLU A 266 0.95 14.52 -19.06
C GLU A 266 0.85 13.11 -18.49
N MET A 267 -0.35 12.73 -18.04
CA MET A 267 -0.60 11.34 -17.63
C MET A 267 -0.41 10.39 -18.80
N ARG A 268 -1.12 10.65 -19.90
CA ARG A 268 -1.00 9.82 -21.11
C ARG A 268 0.45 9.65 -21.53
N ASP A 269 1.21 10.75 -21.51
CA ASP A 269 2.63 10.68 -21.86
C ASP A 269 3.43 9.88 -20.84
N LEU A 270 3.14 10.06 -19.55
CA LEU A 270 3.87 9.32 -18.52
C LEU A 270 3.60 7.82 -18.66
N VAL A 271 2.35 7.45 -18.93
CA VAL A 271 2.01 6.04 -19.04
C VAL A 271 2.73 5.40 -20.22
N GLN A 272 2.64 6.02 -21.40
CA GLN A 272 3.31 5.48 -22.57
C GLN A 272 4.81 5.35 -22.33
N ARG A 273 5.40 6.32 -21.63
CA ARG A 273 6.84 6.31 -21.37
C ARG A 273 7.22 5.21 -20.39
N GLU A 274 6.44 5.02 -19.32
CA GLU A 274 6.73 3.97 -18.35
C GLU A 274 6.26 2.60 -18.81
N THR A 275 5.21 2.53 -19.62
CA THR A 275 4.86 1.28 -20.29
C THR A 275 5.99 0.84 -21.22
N GLY A 276 6.65 1.81 -21.87
CA GLY A 276 7.81 1.49 -22.67
C GLY A 276 8.97 0.95 -21.86
N LYS A 277 9.12 1.43 -20.63
CA LYS A 277 10.21 0.96 -19.76
C LYS A 277 10.05 -0.51 -19.41
N LEU A 278 8.81 -0.93 -19.09
CA LEU A 278 8.56 -2.27 -18.57
C LEU A 278 8.33 -3.31 -19.66
N ASP A 279 7.96 -2.90 -20.88
CA ASP A 279 7.70 -3.83 -21.97
C ASP A 279 8.98 -4.47 -22.50
N ALA B 2 4.48 0.79 18.25
CA ALA B 2 3.30 0.74 17.39
C ALA B 2 3.21 -0.63 16.73
N ARG B 3 2.19 -1.40 17.09
CA ARG B 3 2.04 -2.76 16.54
C ARG B 3 0.78 -2.87 15.69
N KHB B 4 0.89 -3.61 14.60
CA KHB B 4 -0.18 -3.73 13.67
C KHB B 4 -1.36 -4.47 14.29
O KHB B 4 -1.18 -5.56 14.92
CB KHB B 4 0.37 -4.47 12.46
CG KHB B 4 -0.70 -4.76 11.41
CD KHB B 4 -0.06 -5.34 10.14
CE KHB B 4 -1.15 -5.84 9.18
C1 KHB B 4 -1.22 -6.48 6.79
C2 KHB B 4 -0.54 -7.11 5.58
C3 KHB B 4 -0.96 -6.36 4.32
C4 KHB B 4 -0.23 -6.95 3.15
NZ KHB B 4 -0.50 -6.42 8.04
O2 KHB B 4 -0.61 -5.02 4.48
O1 KHB B 4 -2.35 -6.04 6.74
N SER B 5 -2.57 -3.93 14.14
CA SER B 5 -3.76 -4.57 14.71
C SER B 5 -4.97 -4.30 13.85
N THR B 6 -6.10 -4.93 14.17
CA THR B 6 -7.31 -4.71 13.39
C THR B 6 -8.53 -5.01 14.26
N GLY B 7 -9.61 -4.28 13.97
CA GLY B 7 -10.93 -4.60 14.51
C GLY B 7 -11.38 -3.84 15.74
N GLY B 8 -10.63 -2.83 16.18
CA GLY B 8 -10.98 -2.12 17.39
C GLY B 8 -10.97 -0.61 17.26
ZN ZN C . 17.38 -19.62 12.46
#